data_5AL1
#
_entry.id   5AL1
#
_cell.length_a   90.890
_cell.length_b   98.220
_cell.length_c   119.280
_cell.angle_alpha   90.00
_cell.angle_beta   90.00
_cell.angle_gamma   90.00
#
_symmetry.space_group_name_H-M   'C 2 2 21'
#
loop_
_entity.id
_entity.type
_entity.pdbx_description
1 polymer 'TANKYRASE 2'
2 non-polymer 'SULFATE ION'
3 non-polymer 'ZINC ION'
4 non-polymer GLYCEROL
5 non-polymer 2-(4-TERT-BUTYLPHENYL)-1H,2H,3H,4H-PYRIDO(2,3-D)PYRIMIDIN-4-ONE
6 water water
#
_entity_poly.entity_id   1
_entity_poly.type   'polypeptide(L)'
_entity_poly.pdbx_seq_one_letter_code
;MHHHHHHSSGVDLGTENLYFQSMLNTSGSGTILIDLSPDDKEFQSVEEEMQSTVREHRDGGHAGGIFNRYNILKIQKVCN
KKLWERYTHRRKEVSEENHNHANERMLFHGSPFVNAIIHKGFDERHAYIGGMFGAGIYFAENSSKSNQYVYGIGGGTGCP
VHKDRSCYICHRQLLFCRVTLGKSFLQFSAMKMAHSPPGHHSVTGRPSVNGLALAEYVIYRGEQAYPEYLITYQIMRPEG
;
_entity_poly.pdbx_strand_id   A,B
#
loop_
_chem_comp.id
_chem_comp.type
_chem_comp.name
_chem_comp.formula
GN5 non-polymer 2-(4-TERT-BUTYLPHENYL)-1H,2H,3H,4H-PYRIDO(2,3-D)PYRIMIDIN-4-ONE 'C17 H19 N3 O'
GOL non-polymer GLYCEROL 'C3 H8 O3'
SO4 non-polymer 'SULFATE ION' 'O4 S -2'
ZN non-polymer 'ZINC ION' 'Zn 2'
#
# COMPACT_ATOMS: atom_id res chain seq x y z
N GLY A 30 -0.38 -36.79 7.37
CA GLY A 30 -0.30 -36.98 8.83
C GLY A 30 -1.03 -35.94 9.65
N THR A 31 -1.84 -35.09 9.02
CA THR A 31 -2.56 -34.04 9.76
C THR A 31 -3.89 -34.55 10.26
N ILE A 32 -4.19 -34.36 11.55
CA ILE A 32 -5.55 -34.52 12.02
C ILE A 32 -6.05 -33.19 12.59
N LEU A 33 -7.36 -32.97 12.48
CA LEU A 33 -8.01 -31.77 12.96
C LEU A 33 -8.91 -32.13 14.13
N ILE A 34 -8.71 -31.46 15.26
CA ILE A 34 -9.53 -31.70 16.44
C ILE A 34 -10.40 -30.51 16.71
N ASP A 35 -11.71 -30.72 16.71
CA ASP A 35 -12.67 -29.67 17.03
C ASP A 35 -12.55 -29.23 18.46
N LEU A 36 -12.51 -27.92 18.66
CA LEU A 36 -12.60 -27.38 20.00
C LEU A 36 -14.04 -27.10 20.32
N SER A 37 -14.43 -27.38 21.55
CA SER A 37 -15.74 -26.98 22.03
C SER A 37 -15.82 -25.47 22.24
N PRO A 38 -16.97 -24.85 21.92
CA PRO A 38 -17.12 -23.46 22.30
C PRO A 38 -17.02 -23.16 23.80
N ASP A 39 -17.17 -24.20 24.64
CA ASP A 39 -17.06 -24.05 26.09
C ASP A 39 -15.62 -24.07 26.56
N ASP A 40 -14.70 -24.49 25.69
CA ASP A 40 -13.30 -24.63 26.02
C ASP A 40 -12.68 -23.24 26.06
N LYS A 41 -11.89 -22.96 27.11
CA LYS A 41 -11.19 -21.67 27.20
C LYS A 41 -10.29 -21.38 26.00
N GLU A 42 -9.74 -22.44 25.41
CA GLU A 42 -8.90 -22.30 24.23
C GLU A 42 -9.70 -21.80 23.01
N PHE A 43 -10.88 -22.33 22.81
CA PHE A 43 -11.80 -21.80 21.78
C PHE A 43 -12.09 -20.33 22.02
N GLN A 44 -12.41 -20.00 23.26
CA GLN A 44 -12.82 -18.67 23.59
C GLN A 44 -11.70 -17.64 23.41
N SER A 45 -10.48 -18.01 23.75
CA SER A 45 -9.37 -17.07 23.62
C SER A 45 -8.98 -16.85 22.13
N VAL A 46 -9.11 -17.88 21.31
CA VAL A 46 -8.86 -17.77 19.85
C VAL A 46 -9.98 -16.93 19.21
N GLU A 47 -11.24 -17.20 19.56
CA GLU A 47 -12.35 -16.40 19.06
C GLU A 47 -12.15 -14.92 19.43
N GLU A 48 -11.78 -14.65 20.68
CA GLU A 48 -11.61 -13.25 21.11
C GLU A 48 -10.51 -12.52 20.29
N GLU A 49 -9.41 -13.21 19.99
CA GLU A 49 -8.37 -12.61 19.14
C GLU A 49 -8.89 -12.35 17.72
N MET A 50 -9.66 -13.29 17.18
CA MET A 50 -10.29 -13.08 15.87
C MET A 50 -11.20 -11.84 15.87
N GLN A 51 -12.11 -11.77 16.83
CA GLN A 51 -13.12 -10.73 16.81
C GLN A 51 -12.53 -9.38 17.15
N SER A 52 -11.62 -9.33 18.10
CA SER A 52 -11.13 -8.06 18.63
C SER A 52 -10.12 -7.37 17.73
N THR A 53 -9.59 -8.09 16.73
CA THR A 53 -8.63 -7.50 15.78
C THR A 53 -9.23 -7.17 14.42
N VAL A 54 -10.56 -7.15 14.32
CA VAL A 54 -11.24 -6.57 13.17
C VAL A 54 -11.03 -5.05 13.15
N ARG A 55 -10.72 -4.52 11.98
CA ARG A 55 -10.69 -3.06 11.79
C ARG A 55 -11.30 -2.69 10.46
N GLU A 56 -11.54 -1.40 10.25
CA GLU A 56 -11.93 -0.87 8.94
C GLU A 56 -10.71 -0.79 8.05
N HIS A 57 -10.92 -1.06 6.77
CA HIS A 57 -9.87 -1.06 5.78
C HIS A 57 -10.06 0.07 4.78
N ARG A 58 -8.93 0.54 4.27
CA ARG A 58 -8.90 1.73 3.40
C ARG A 58 -9.58 1.51 2.06
N ASP A 59 -9.79 0.24 1.69
CA ASP A 59 -10.54 -0.07 0.49
C ASP A 59 -12.06 -0.06 0.65
N GLY A 60 -12.54 0.33 1.82
CA GLY A 60 -13.96 0.40 2.11
C GLY A 60 -14.67 -0.94 2.09
N GLY A 61 -13.92 -2.02 2.21
CA GLY A 61 -14.47 -3.39 2.10
C GLY A 61 -14.33 -4.08 0.75
N HIS A 62 -13.67 -3.42 -0.21
CA HIS A 62 -13.56 -3.98 -1.54
C HIS A 62 -12.99 -5.41 -1.57
N ALA A 63 -11.88 -5.64 -0.88
CA ALA A 63 -11.22 -6.93 -0.93
C ALA A 63 -11.87 -7.95 -0.04
N GLY A 64 -12.17 -7.58 1.19
CA GLY A 64 -12.58 -8.54 2.21
C GLY A 64 -14.04 -8.55 2.56
N GLY A 65 -14.79 -7.53 2.10
CA GLY A 65 -16.17 -7.40 2.46
C GLY A 65 -16.44 -6.37 3.52
N ILE A 66 -17.72 -6.06 3.73
CA ILE A 66 -18.14 -5.04 4.68
C ILE A 66 -18.67 -5.76 5.91
N PHE A 67 -18.01 -5.55 7.06
CA PHE A 67 -18.37 -6.23 8.30
C PHE A 67 -17.60 -5.61 9.47
N ASN A 68 -18.17 -5.79 10.65
CA ASN A 68 -17.54 -5.42 11.90
C ASN A 68 -17.20 -6.60 12.79
N ARG A 69 -17.74 -7.77 12.47
CA ARG A 69 -17.52 -8.95 13.27
C ARG A 69 -17.82 -10.21 12.45
N TYR A 70 -17.47 -11.35 13.02
CA TYR A 70 -17.66 -12.64 12.39
C TYR A 70 -18.67 -13.51 13.14
N ASN A 71 -19.25 -14.44 12.39
CA ASN A 71 -19.93 -15.60 12.94
C ASN A 71 -18.93 -16.75 12.92
N ILE A 72 -18.38 -17.11 14.08
CA ILE A 72 -17.43 -18.20 14.13
C ILE A 72 -18.21 -19.51 14.12
N LEU A 73 -17.92 -20.36 13.15
CA LEU A 73 -18.63 -21.64 12.98
C LEU A 73 -17.88 -22.82 13.61
N LYS A 74 -16.56 -22.78 13.56
CA LYS A 74 -15.77 -23.89 14.05
C LYS A 74 -14.34 -23.43 14.27
N ILE A 75 -13.71 -23.95 15.32
CA ILE A 75 -12.28 -23.78 15.51
C ILE A 75 -11.68 -25.16 15.74
N GLN A 76 -10.73 -25.53 14.89
CA GLN A 76 -10.05 -26.82 14.95
C GLN A 76 -8.57 -26.65 15.21
N LYS A 77 -8.04 -27.50 16.08
CA LYS A 77 -6.62 -27.60 16.32
C LYS A 77 -6.01 -28.46 15.22
N VAL A 78 -4.90 -27.98 14.67
CA VAL A 78 -4.20 -28.66 13.61
C VAL A 78 -3.06 -29.42 14.24
N CYS A 79 -3.07 -30.74 14.10
N CYS A 79 -3.05 -30.74 14.09
CA CYS A 79 -2.07 -31.61 14.71
CA CYS A 79 -2.08 -31.61 14.76
C CYS A 79 -1.34 -32.36 13.63
C CYS A 79 -1.32 -32.43 13.71
N ASN A 80 -0.03 -32.13 13.54
CA ASN A 80 0.83 -32.85 12.63
C ASN A 80 2.24 -32.87 13.23
N LYS A 81 2.65 -34.05 13.67
CA LYS A 81 3.91 -34.20 14.41
C LYS A 81 5.11 -33.81 13.58
N LYS A 82 5.17 -34.27 12.35
CA LYS A 82 6.27 -33.93 11.46
C LYS A 82 6.36 -32.41 11.21
N LEU A 83 5.22 -31.76 10.97
CA LEU A 83 5.23 -30.32 10.70
C LEU A 83 5.61 -29.54 11.96
N TRP A 84 5.15 -30.02 13.12
CA TRP A 84 5.51 -29.40 14.39
C TRP A 84 7.01 -29.50 14.66
N GLU A 85 7.60 -30.65 14.38
CA GLU A 85 9.03 -30.83 14.62
C GLU A 85 9.89 -29.99 13.69
N ARG A 86 9.44 -29.85 12.45
CA ARG A 86 10.04 -28.93 11.49
C ARG A 86 10.03 -27.50 12.04
N TYR A 87 8.88 -27.09 12.57
CA TYR A 87 8.76 -25.75 13.19
C TYR A 87 9.71 -25.58 14.37
N THR A 88 9.67 -26.52 15.32
CA THR A 88 10.51 -26.38 16.55
C THR A 88 12.00 -26.47 16.27
N HIS A 89 12.38 -27.25 15.26
CA HIS A 89 13.78 -27.32 14.85
C HIS A 89 14.27 -25.93 14.41
N ARG A 90 13.49 -25.29 13.54
CA ARG A 90 13.85 -23.97 13.03
C ARG A 90 13.79 -22.92 14.16
N ARG A 91 12.81 -23.05 15.03
CA ARG A 91 12.65 -22.12 16.15
C ARG A 91 13.90 -22.12 17.04
N LYS A 92 14.44 -23.32 17.30
CA LYS A 92 15.66 -23.43 18.07
C LYS A 92 16.85 -22.78 17.36
N GLU A 93 16.98 -22.98 16.05
CA GLU A 93 18.04 -22.34 15.28
C GLU A 93 17.97 -20.81 15.39
N VAL A 94 16.77 -20.27 15.23
CA VAL A 94 16.58 -18.83 15.31
C VAL A 94 16.88 -18.34 16.71
N SER A 95 16.35 -19.02 17.72
CA SER A 95 16.55 -18.64 19.11
CA SER A 95 16.55 -18.57 19.09
C SER A 95 18.04 -18.57 19.43
N GLU A 96 18.79 -19.57 18.97
CA GLU A 96 20.23 -19.62 19.25
C GLU A 96 21.04 -18.51 18.55
N GLU A 97 20.52 -17.99 17.45
CA GLU A 97 21.09 -16.81 16.76
C GLU A 97 20.64 -15.45 17.33
N ASN A 98 19.78 -15.46 18.34
CA ASN A 98 19.14 -14.25 18.80
C ASN A 98 18.99 -14.29 20.32
N HIS A 99 20.11 -14.52 20.99
CA HIS A 99 20.15 -14.58 22.46
C HIS A 99 19.01 -15.34 23.14
N ASN A 100 18.77 -16.55 22.63
CA ASN A 100 17.77 -17.47 23.16
C ASN A 100 16.37 -16.86 23.19
N HIS A 101 16.05 -16.13 22.13
CA HIS A 101 14.74 -15.50 21.98
C HIS A 101 14.22 -15.73 20.57
N ALA A 102 13.21 -16.59 20.49
CA ALA A 102 12.56 -16.87 19.22
C ALA A 102 11.69 -15.73 18.72
N ASN A 103 11.21 -14.88 19.65
CA ASN A 103 10.30 -13.79 19.30
C ASN A 103 9.09 -14.38 18.56
N GLU A 104 8.45 -15.32 19.26
CA GLU A 104 7.32 -16.03 18.73
C GLU A 104 6.00 -15.29 18.95
N ARG A 105 5.21 -15.22 17.89
CA ARG A 105 3.91 -14.53 17.93
C ARG A 105 2.82 -15.50 17.45
N MET A 106 1.58 -15.18 17.76
CA MET A 106 0.41 -15.81 17.17
C MET A 106 -0.25 -14.80 16.21
N LEU A 107 -0.34 -15.18 14.95
CA LEU A 107 -0.69 -14.25 13.87
C LEU A 107 -1.62 -14.93 12.89
N PHE A 108 -2.42 -14.14 12.18
CA PHE A 108 -3.39 -14.68 11.22
C PHE A 108 -2.78 -14.83 9.85
N HIS A 109 -3.26 -15.84 9.13
CA HIS A 109 -2.92 -16.03 7.73
C HIS A 109 -4.17 -16.43 6.95
N GLY A 110 -4.46 -15.66 5.90
CA GLY A 110 -5.56 -15.94 4.97
C GLY A 110 -5.00 -16.32 3.61
N SER A 111 -5.54 -17.39 3.01
CA SER A 111 -5.05 -17.87 1.72
C SER A 111 -6.05 -18.79 1.06
N PRO A 112 -6.08 -18.79 -0.28
CA PRO A 112 -6.86 -19.85 -0.93
C PRO A 112 -6.27 -21.23 -0.71
N PHE A 113 -5.04 -21.31 -0.21
CA PHE A 113 -4.35 -22.58 -0.07
C PHE A 113 -4.29 -23.13 1.37
N VAL A 114 -5.22 -22.71 2.22
CA VAL A 114 -5.24 -23.16 3.61
CA VAL A 114 -5.24 -23.16 3.61
C VAL A 114 -5.28 -24.68 3.73
N ASN A 115 -6.00 -25.37 2.85
CA ASN A 115 -6.08 -26.81 3.00
CA ASN A 115 -6.09 -26.84 2.92
C ASN A 115 -4.75 -27.50 2.59
N ALA A 116 -4.01 -26.94 1.63
CA ALA A 116 -2.66 -27.41 1.36
C ALA A 116 -1.70 -27.12 2.54
N ILE A 117 -1.83 -25.94 3.14
CA ILE A 117 -0.93 -25.56 4.22
C ILE A 117 -1.06 -26.49 5.41
N ILE A 118 -2.27 -26.83 5.80
CA ILE A 118 -2.46 -27.61 6.99
C ILE A 118 -1.98 -29.04 6.80
N HIS A 119 -1.92 -29.50 5.55
CA HIS A 119 -1.49 -30.87 5.27
C HIS A 119 -0.01 -31.00 4.99
N LYS A 120 0.57 -30.02 4.30
CA LYS A 120 1.97 -30.08 3.84
C LYS A 120 2.88 -29.01 4.45
N GLY A 121 2.31 -28.05 5.16
CA GLY A 121 3.07 -26.96 5.78
C GLY A 121 3.24 -25.76 4.87
N PHE A 122 3.76 -24.67 5.42
CA PHE A 122 4.07 -23.50 4.61
C PHE A 122 5.32 -23.76 3.79
N ASP A 123 5.32 -23.31 2.54
CA ASP A 123 6.52 -23.37 1.69
C ASP A 123 6.47 -22.24 0.67
N GLU A 124 7.46 -22.17 -0.22
CA GLU A 124 7.52 -21.12 -1.26
C GLU A 124 6.26 -20.90 -2.10
N ARG A 125 5.44 -21.92 -2.29
CA ARG A 125 4.20 -21.75 -3.04
C ARG A 125 3.15 -20.92 -2.31
N HIS A 126 3.38 -20.67 -1.02
CA HIS A 126 2.45 -19.85 -0.21
C HIS A 126 2.93 -18.42 -0.03
N ALA A 127 4.03 -18.08 -0.70
CA ALA A 127 4.59 -16.75 -0.64
C ALA A 127 3.84 -15.79 -1.56
N TYR A 128 3.88 -14.52 -1.18
CA TYR A 128 3.28 -13.46 -1.96
C TYR A 128 4.43 -12.78 -2.71
N ILE A 129 4.64 -13.21 -3.96
CA ILE A 129 5.77 -12.72 -4.73
C ILE A 129 5.69 -11.20 -4.84
N GLY A 130 4.48 -10.69 -5.03
CA GLY A 130 4.27 -9.26 -5.23
C GLY A 130 4.08 -8.39 -4.00
N GLY A 131 4.32 -8.90 -2.80
CA GLY A 131 4.04 -8.12 -1.61
C GLY A 131 4.96 -6.92 -1.36
N MET A 132 4.50 -6.01 -0.51
CA MET A 132 5.16 -4.72 -0.19
C MET A 132 6.57 -4.94 0.35
N PHE A 133 6.80 -6.09 0.97
CA PHE A 133 8.07 -6.39 1.62
C PHE A 133 8.79 -7.55 0.96
N GLY A 134 8.49 -7.80 -0.30
CA GLY A 134 9.19 -8.81 -1.08
C GLY A 134 8.52 -10.17 -0.99
N ALA A 135 9.13 -11.14 -1.67
CA ALA A 135 8.53 -12.45 -1.84
C ALA A 135 8.74 -13.30 -0.59
N GLY A 136 7.75 -13.29 0.30
CA GLY A 136 7.79 -14.06 1.52
C GLY A 136 6.37 -14.46 1.88
N ILE A 137 6.22 -15.07 3.05
CA ILE A 137 4.93 -15.49 3.52
C ILE A 137 4.43 -14.47 4.54
N TYR A 138 3.24 -13.93 4.31
CA TYR A 138 2.73 -12.76 5.04
C TYR A 138 1.75 -13.17 6.12
N PHE A 139 1.88 -12.54 7.29
CA PHE A 139 1.00 -12.76 8.43
C PHE A 139 0.48 -11.42 8.98
N ALA A 140 -0.69 -11.41 9.61
CA ALA A 140 -1.27 -10.16 10.12
C ALA A 140 -1.69 -10.27 11.59
N GLU A 141 -1.52 -9.18 12.33
CA GLU A 141 -2.16 -9.03 13.63
C GLU A 141 -3.67 -8.82 13.50
N ASN A 142 -4.10 -8.10 12.47
CA ASN A 142 -5.54 -7.86 12.25
C ASN A 142 -6.13 -9.04 11.50
N SER A 143 -7.07 -9.77 12.13
CA SER A 143 -7.73 -10.85 11.40
C SER A 143 -8.39 -10.35 10.11
N SER A 144 -8.91 -9.12 10.12
CA SER A 144 -9.58 -8.56 8.95
C SER A 144 -8.63 -8.30 7.79
N LYS A 145 -7.34 -8.08 8.07
CA LYS A 145 -6.33 -8.01 7.02
C LYS A 145 -6.17 -9.39 6.34
N SER A 146 -5.95 -10.44 7.13
CA SER A 146 -5.91 -11.80 6.56
C SER A 146 -7.20 -12.19 5.81
N ASN A 147 -8.35 -11.73 6.30
CA ASN A 147 -9.62 -11.97 5.60
C ASN A 147 -9.64 -11.44 4.14
N GLN A 148 -8.87 -10.39 3.87
CA GLN A 148 -8.78 -9.85 2.53
C GLN A 148 -8.12 -10.79 1.54
N TYR A 149 -7.41 -11.83 2.02
CA TYR A 149 -6.65 -12.71 1.16
C TYR A 149 -7.23 -14.11 1.04
N VAL A 150 -8.34 -14.38 1.74
CA VAL A 150 -8.97 -15.70 1.74
C VAL A 150 -9.33 -16.17 0.33
N TYR A 151 -9.83 -15.26 -0.50
CA TYR A 151 -10.19 -15.57 -1.88
C TYR A 151 -9.14 -15.15 -2.92
N GLY A 152 -7.93 -14.83 -2.45
CA GLY A 152 -6.82 -14.43 -3.30
C GLY A 152 -6.38 -13.00 -3.08
N ILE A 153 -5.38 -12.57 -3.86
CA ILE A 153 -4.87 -11.20 -3.77
C ILE A 153 -6.00 -10.24 -4.09
N GLY A 154 -6.19 -9.25 -3.23
CA GLY A 154 -7.24 -8.27 -3.41
C GLY A 154 -8.62 -8.87 -3.29
N GLY A 155 -8.74 -10.07 -2.72
CA GLY A 155 -10.00 -10.78 -2.66
C GLY A 155 -10.35 -11.57 -3.91
N GLY A 156 -9.43 -11.58 -4.89
CA GLY A 156 -9.65 -12.26 -6.16
C GLY A 156 -10.99 -11.90 -6.74
N THR A 157 -11.78 -12.90 -7.10
CA THR A 157 -13.14 -12.70 -7.58
C THR A 157 -14.20 -13.04 -6.53
N GLY A 158 -13.80 -13.10 -5.26
CA GLY A 158 -14.73 -13.42 -4.20
C GLY A 158 -15.02 -14.90 -4.11
N CYS A 159 -16.12 -15.22 -3.43
CA CYS A 159 -16.45 -16.60 -3.16
C CYS A 159 -16.65 -17.38 -4.47
N PRO A 160 -16.27 -18.66 -4.47
CA PRO A 160 -16.46 -19.42 -5.70
C PRO A 160 -17.93 -19.59 -6.13
N VAL A 161 -18.86 -19.59 -5.17
CA VAL A 161 -20.27 -19.84 -5.49
C VAL A 161 -20.94 -18.60 -6.08
N HIS A 162 -20.85 -17.47 -5.39
CA HIS A 162 -21.56 -16.25 -5.79
C HIS A 162 -20.69 -15.17 -6.44
N LYS A 163 -19.37 -15.37 -6.46
CA LYS A 163 -18.41 -14.38 -6.98
C LYS A 163 -18.53 -13.03 -6.28
N ASP A 164 -18.68 -13.11 -4.96
CA ASP A 164 -18.93 -11.94 -4.15
C ASP A 164 -17.80 -11.83 -3.07
N ARG A 165 -17.01 -10.77 -3.13
CA ARG A 165 -15.95 -10.57 -2.12
C ARG A 165 -16.54 -10.25 -0.75
N SER A 166 -17.79 -9.76 -0.71
CA SER A 166 -18.48 -9.52 0.53
C SER A 166 -19.57 -10.58 0.84
N CYS A 167 -19.39 -11.81 0.39
CA CYS A 167 -20.42 -12.85 0.62
C CYS A 167 -20.65 -13.07 2.11
N TYR A 168 -21.92 -13.04 2.51
CA TYR A 168 -22.28 -13.29 3.90
C TYR A 168 -22.74 -14.73 4.13
N ILE A 169 -22.84 -15.51 3.06
CA ILE A 169 -23.36 -16.87 3.14
C ILE A 169 -22.23 -17.90 3.20
N CYS A 170 -21.27 -17.76 2.30
CA CYS A 170 -20.21 -18.76 2.12
C CYS A 170 -19.24 -18.81 3.32
N HIS A 171 -18.82 -20.03 3.65
CA HIS A 171 -17.90 -20.30 4.74
C HIS A 171 -16.49 -19.97 4.33
N ARG A 172 -15.81 -19.19 5.18
CA ARG A 172 -14.43 -18.81 4.95
C ARG A 172 -13.57 -19.48 5.99
N GLN A 173 -12.28 -19.58 5.71
CA GLN A 173 -11.34 -20.14 6.65
C GLN A 173 -10.09 -19.30 6.75
N LEU A 174 -9.63 -19.08 7.98
CA LEU A 174 -8.33 -18.46 8.28
CA LEU A 174 -8.26 -18.63 8.08
C LEU A 174 -7.52 -19.42 9.13
N LEU A 175 -6.21 -19.25 9.11
CA LEU A 175 -5.32 -19.92 10.02
C LEU A 175 -4.83 -18.93 11.08
N PHE A 176 -4.77 -19.39 12.31
CA PHE A 176 -4.14 -18.63 13.43
C PHE A 176 -2.88 -19.42 13.76
N CYS A 177 -1.72 -18.81 13.50
CA CYS A 177 -0.46 -19.52 13.37
C CYS A 177 0.55 -19.08 14.39
N ARG A 178 1.41 -20.01 14.77
CA ARG A 178 2.56 -19.74 15.61
C ARG A 178 3.69 -19.38 14.67
N VAL A 179 4.26 -18.18 14.85
CA VAL A 179 5.25 -17.66 13.93
C VAL A 179 6.53 -17.22 14.67
N THR A 180 7.66 -17.70 14.22
CA THR A 180 8.95 -17.28 14.76
C THR A 180 9.46 -16.06 14.00
N LEU A 181 9.61 -14.93 14.67
CA LEU A 181 10.12 -13.74 14.00
C LEU A 181 11.61 -13.53 14.16
N GLY A 182 12.19 -14.09 15.22
CA GLY A 182 13.56 -13.78 15.57
C GLY A 182 13.87 -12.29 15.57
N LYS A 183 15.03 -11.95 15.04
CA LYS A 183 15.39 -10.55 14.82
C LYS A 183 14.69 -10.02 13.59
N SER A 184 13.74 -9.11 13.80
CA SER A 184 12.89 -8.65 12.72
C SER A 184 13.32 -7.29 12.21
N PHE A 185 13.40 -7.16 10.91
CA PHE A 185 13.72 -5.89 10.27
C PHE A 185 12.49 -4.98 10.23
N LEU A 186 12.60 -3.80 10.86
CA LEU A 186 11.49 -2.85 10.97
C LEU A 186 11.42 -1.96 9.73
N GLN A 187 10.32 -2.08 9.00
CA GLN A 187 10.02 -1.25 7.86
C GLN A 187 8.86 -0.36 8.24
N PHE A 188 9.08 0.95 8.21
CA PHE A 188 8.00 1.89 8.44
C PHE A 188 7.31 2.01 7.07
N SER A 189 5.98 2.09 7.03
CA SER A 189 5.30 2.22 5.73
C SER A 189 3.84 2.62 5.84
N ALA A 190 3.32 3.17 4.75
CA ALA A 190 1.88 3.49 4.64
C ALA A 190 1.05 2.22 4.57
N MET A 193 10.93 -17.32 -3.48
CA MET A 193 10.98 -16.70 -2.15
C MET A 193 12.31 -15.97 -1.95
N ALA A 194 12.24 -14.71 -1.53
CA ALA A 194 13.44 -13.92 -1.26
C ALA A 194 14.12 -14.38 0.04
N HIS A 195 15.24 -13.74 0.36
CA HIS A 195 15.90 -13.93 1.65
C HIS A 195 15.50 -12.78 2.58
N SER A 196 15.53 -13.03 3.89
CA SER A 196 15.29 -11.97 4.86
C SER A 196 16.48 -11.03 4.76
N PRO A 197 16.32 -9.77 5.22
CA PRO A 197 17.46 -8.86 5.22
C PRO A 197 18.65 -9.47 5.97
N PRO A 198 19.89 -9.23 5.47
CA PRO A 198 21.06 -9.73 6.18
C PRO A 198 21.00 -9.44 7.69
N GLY A 199 21.26 -10.47 8.49
CA GLY A 199 21.25 -10.36 9.94
C GLY A 199 19.85 -10.37 10.58
N HIS A 200 18.81 -10.68 9.80
CA HIS A 200 17.44 -10.67 10.31
C HIS A 200 16.72 -11.98 9.93
N HIS A 201 15.65 -12.32 10.64
CA HIS A 201 14.88 -13.55 10.39
C HIS A 201 13.48 -13.33 9.84
N SER A 202 13.09 -12.06 9.74
CA SER A 202 11.76 -11.67 9.31
C SER A 202 11.75 -10.17 9.03
N VAL A 203 10.64 -9.69 8.49
CA VAL A 203 10.38 -8.26 8.32
C VAL A 203 9.07 -7.92 9.04
N THR A 204 9.08 -6.76 9.71
CA THR A 204 7.91 -6.21 10.34
C THR A 204 7.48 -5.00 9.53
N GLY A 205 6.25 -5.01 9.09
CA GLY A 205 5.66 -3.88 8.40
C GLY A 205 4.89 -3.07 9.40
N ARG A 206 5.49 -1.96 9.85
CA ARG A 206 4.83 -1.06 10.80
CA ARG A 206 4.84 -1.06 10.80
C ARG A 206 3.94 -0.06 10.07
N PRO A 207 2.66 0.03 10.46
CA PRO A 207 1.85 1.10 9.84
C PRO A 207 2.36 2.51 10.20
N SER A 208 2.51 3.39 9.18
CA SER A 208 3.00 4.80 9.35
C SER A 208 1.99 5.92 8.93
N VAL A 209 0.73 5.55 8.65
CA VAL A 209 -0.31 6.51 8.23
C VAL A 209 -1.62 6.25 8.95
N ASN A 210 -2.15 5.04 8.75
CA ASN A 210 -3.32 4.57 9.46
C ASN A 210 -2.97 4.24 10.90
N GLY A 211 -3.31 5.19 11.76
CA GLY A 211 -3.13 5.02 13.20
C GLY A 211 -3.83 3.85 13.82
N LEU A 212 -4.83 3.24 13.14
CA LEU A 212 -5.53 2.10 13.76
C LEU A 212 -5.06 0.72 13.29
N ALA A 213 -4.24 0.66 12.25
CA ALA A 213 -3.81 -0.63 11.72
C ALA A 213 -2.79 -1.26 12.64
N LEU A 214 -2.85 -2.58 12.74
CA LEU A 214 -1.83 -3.33 13.44
C LEU A 214 -0.78 -3.75 12.44
N ALA A 215 0.32 -4.28 12.97
CA ALA A 215 1.44 -4.70 12.15
C ALA A 215 1.14 -5.93 11.29
N GLU A 216 1.92 -6.03 10.23
CA GLU A 216 2.00 -7.20 9.37
C GLU A 216 3.46 -7.68 9.37
N TYR A 217 3.65 -8.97 9.12
CA TYR A 217 4.97 -9.59 9.26
C TYR A 217 5.22 -10.51 8.08
N VAL A 218 6.48 -10.62 7.67
CA VAL A 218 6.87 -11.50 6.57
C VAL A 218 8.02 -12.39 7.01
N ILE A 219 7.89 -13.69 6.73
CA ILE A 219 8.96 -14.64 6.92
C ILE A 219 9.34 -15.20 5.56
N TYR A 220 10.56 -15.69 5.47
CA TYR A 220 11.10 -16.13 4.19
C TYR A 220 11.47 -17.61 4.23
N ARG A 221 11.10 -18.30 5.31
CA ARG A 221 11.33 -19.72 5.46
C ARG A 221 10.01 -20.27 5.95
N GLY A 222 9.47 -21.23 5.20
CA GLY A 222 8.19 -21.86 5.60
C GLY A 222 8.21 -22.55 6.95
N GLU A 223 9.40 -22.99 7.38
CA GLU A 223 9.56 -23.67 8.66
C GLU A 223 9.41 -22.74 9.85
N GLN A 224 9.36 -21.42 9.61
CA GLN A 224 9.17 -20.48 10.70
C GLN A 224 7.72 -20.20 11.08
N ALA A 225 6.76 -20.98 10.56
CA ALA A 225 5.38 -20.85 11.00
C ALA A 225 4.75 -22.23 11.11
N TYR A 226 3.86 -22.38 12.07
CA TYR A 226 3.07 -23.59 12.22
C TYR A 226 1.59 -23.20 12.26
N PRO A 227 0.76 -23.83 11.41
CA PRO A 227 -0.66 -23.46 11.37
C PRO A 227 -1.39 -24.12 12.52
N GLU A 228 -1.52 -23.44 13.65
CA GLU A 228 -2.01 -24.09 14.85
CA GLU A 228 -2.03 -24.06 14.90
C GLU A 228 -3.54 -24.26 14.91
N TYR A 229 -4.26 -23.25 14.44
CA TYR A 229 -5.72 -23.29 14.43
C TYR A 229 -6.29 -23.01 13.06
N LEU A 230 -7.28 -23.82 12.69
CA LEU A 230 -8.09 -23.59 11.50
C LEU A 230 -9.47 -23.06 11.95
N ILE A 231 -9.76 -21.82 11.56
CA ILE A 231 -10.97 -21.14 11.97
C ILE A 231 -11.92 -21.04 10.78
N THR A 232 -13.13 -21.58 10.94
CA THR A 232 -14.16 -21.51 9.91
C THR A 232 -15.21 -20.49 10.34
N TYR A 233 -15.56 -19.59 9.44
CA TYR A 233 -16.39 -18.45 9.82
C TYR A 233 -17.14 -17.85 8.63
N GLN A 234 -18.07 -16.98 8.95
CA GLN A 234 -18.66 -16.09 7.99
C GLN A 234 -18.44 -14.66 8.46
N ILE A 235 -18.35 -13.73 7.52
CA ILE A 235 -18.42 -12.32 7.89
C ILE A 235 -19.88 -11.98 8.14
N MET A 236 -20.15 -11.04 9.03
CA MET A 236 -21.55 -10.67 9.35
C MET A 236 -21.94 -9.33 8.76
N ARG A 237 -23.11 -9.27 8.14
CA ARG A 237 -23.59 -8.02 7.56
C ARG A 237 -23.91 -7.06 8.71
N PRO A 238 -23.34 -5.85 8.69
CA PRO A 238 -23.67 -4.88 9.75
C PRO A 238 -25.18 -4.61 9.80
N GLU A 239 -25.71 -4.40 11.01
CA GLU A 239 -27.14 -4.15 11.20
C GLU A 239 -27.49 -2.72 10.77
N GLY B 30 -14.79 10.01 2.92
CA GLY B 30 -15.49 9.27 1.84
C GLY B 30 -14.54 8.75 0.76
N THR B 31 -13.24 8.76 1.04
CA THR B 31 -12.28 8.25 0.07
C THR B 31 -12.06 6.77 0.31
N ILE B 32 -12.11 6.00 -0.75
CA ILE B 32 -11.66 4.62 -0.72
C ILE B 32 -10.54 4.44 -1.72
N LEU B 33 -9.59 3.57 -1.36
CA LEU B 33 -8.45 3.25 -2.19
C LEU B 33 -8.55 1.82 -2.69
N ILE B 34 -8.44 1.63 -4.00
CA ILE B 34 -8.56 0.30 -4.61
C ILE B 34 -7.24 -0.09 -5.24
N ASP B 35 -6.66 -1.19 -4.76
CA ASP B 35 -5.40 -1.69 -5.32
C ASP B 35 -5.57 -2.12 -6.76
N LEU B 36 -4.63 -1.72 -7.60
CA LEU B 36 -4.59 -2.25 -8.96
C LEU B 36 -3.66 -3.44 -9.00
N SER B 37 -4.03 -4.45 -9.77
CA SER B 37 -3.17 -5.62 -9.95
C SER B 37 -2.01 -5.28 -10.88
N PRO B 38 -0.80 -5.74 -10.56
CA PRO B 38 0.31 -5.55 -11.50
C PRO B 38 0.10 -6.19 -12.88
N ASP B 39 -0.82 -7.16 -12.95
CA ASP B 39 -1.17 -7.78 -14.23
C ASP B 39 -2.16 -6.97 -15.07
N ASP B 40 -2.67 -5.88 -14.50
CA ASP B 40 -3.68 -5.02 -15.11
C ASP B 40 -2.97 -4.01 -16.04
N LYS B 41 -3.48 -3.82 -17.25
CA LYS B 41 -2.94 -2.79 -18.15
C LYS B 41 -2.87 -1.40 -17.49
N GLU B 42 -3.86 -1.09 -16.65
CA GLU B 42 -3.88 0.23 -15.97
C GLU B 42 -2.67 0.45 -15.05
N PHE B 43 -2.37 -0.54 -14.23
CA PHE B 43 -1.16 -0.53 -13.38
C PHE B 43 0.06 -0.32 -14.26
N GLN B 44 0.14 -1.10 -15.34
CA GLN B 44 1.32 -1.10 -16.18
C GLN B 44 1.54 0.24 -16.88
N SER B 45 0.45 0.92 -17.23
CA SER B 45 0.51 2.21 -17.88
C SER B 45 1.01 3.28 -16.90
N VAL B 46 0.51 3.22 -15.68
CA VAL B 46 0.95 4.16 -14.67
C VAL B 46 2.42 3.93 -14.32
N GLU B 47 2.82 2.66 -14.14
CA GLU B 47 4.22 2.38 -13.86
C GLU B 47 5.12 2.87 -15.00
N GLU B 48 4.71 2.64 -16.24
CA GLU B 48 5.55 3.09 -17.35
C GLU B 48 5.66 4.62 -17.41
N GLU B 49 4.59 5.33 -17.09
CA GLU B 49 4.65 6.79 -17.02
C GLU B 49 5.64 7.23 -15.90
N MET B 50 5.58 6.58 -14.73
CA MET B 50 6.56 6.88 -13.69
C MET B 50 8.00 6.63 -14.14
N GLN B 51 8.25 5.43 -14.63
CA GLN B 51 9.61 5.02 -14.97
C GLN B 51 10.19 5.80 -16.15
N SER B 52 9.37 6.04 -17.16
CA SER B 52 9.85 6.65 -18.40
C SER B 52 10.09 8.14 -18.25
N THR B 53 9.61 8.75 -17.17
CA THR B 53 9.82 10.18 -16.96
C THR B 53 10.81 10.51 -15.84
N VAL B 54 11.63 9.55 -15.45
CA VAL B 54 12.77 9.85 -14.58
C VAL B 54 13.81 10.57 -15.43
N ARG B 55 14.40 11.64 -14.89
CA ARG B 55 15.52 12.26 -15.55
C ARG B 55 16.59 12.57 -14.51
N GLU B 56 17.75 12.99 -14.99
CA GLU B 56 18.78 13.53 -14.13
C GLU B 56 18.42 14.94 -13.72
N HIS B 57 18.81 15.29 -12.50
CA HIS B 57 18.54 16.59 -11.94
C HIS B 57 19.85 17.33 -11.68
N ARG B 58 19.79 18.65 -11.83
CA ARG B 58 20.98 19.52 -11.76
C ARG B 58 21.54 19.65 -10.35
N ASP B 59 20.80 19.20 -9.34
CA ASP B 59 21.30 19.14 -7.98
C ASP B 59 22.09 17.88 -7.63
N GLY B 60 22.36 17.05 -8.63
CA GLY B 60 23.11 15.82 -8.45
C GLY B 60 22.40 14.77 -7.60
N GLY B 61 21.10 14.92 -7.38
CA GLY B 61 20.35 14.05 -6.45
C GLY B 61 20.15 14.59 -5.03
N HIS B 62 20.61 15.80 -4.76
CA HIS B 62 20.49 16.39 -3.41
C HIS B 62 19.08 16.32 -2.84
N ALA B 63 18.07 16.75 -3.59
CA ALA B 63 16.72 16.84 -3.08
C ALA B 63 16.00 15.50 -3.09
N GLY B 64 16.07 14.80 -4.21
CA GLY B 64 15.28 13.56 -4.37
C GLY B 64 15.99 12.24 -4.27
N GLY B 65 17.32 12.28 -4.23
CA GLY B 65 18.13 11.08 -4.23
C GLY B 65 18.76 10.71 -5.56
N ILE B 66 19.66 9.75 -5.51
CA ILE B 66 20.36 9.28 -6.67
C ILE B 66 19.70 7.99 -7.16
N PHE B 67 19.14 8.06 -8.36
CA PHE B 67 18.45 6.89 -8.95
C PHE B 67 18.13 7.13 -10.40
N ASN B 68 17.98 6.01 -11.13
CA ASN B 68 17.54 5.98 -12.51
C ASN B 68 16.17 5.35 -12.71
N ARG B 69 15.68 4.64 -11.69
CA ARG B 69 14.40 3.96 -11.77
C ARG B 69 13.85 3.71 -10.38
N TYR B 70 12.58 3.32 -10.33
CA TYR B 70 11.90 3.03 -9.10
C TYR B 70 11.56 1.54 -8.96
N ASN B 71 11.38 1.14 -7.72
CA ASN B 71 10.67 -0.08 -7.40
C ASN B 71 9.22 0.28 -7.01
N ILE B 72 8.27 0.01 -7.89
CA ILE B 72 6.87 0.32 -7.62
C ILE B 72 6.30 -0.78 -6.72
N LEU B 73 5.86 -0.41 -5.53
CA LEU B 73 5.34 -1.37 -4.56
C LEU B 73 3.83 -1.58 -4.68
N LYS B 74 3.14 -0.50 -5.01
CA LYS B 74 1.67 -0.49 -5.06
C LYS B 74 1.15 0.72 -5.85
N ILE B 75 0.06 0.52 -6.58
CA ILE B 75 -0.67 1.63 -7.23
C ILE B 75 -2.14 1.45 -6.87
N GLN B 76 -2.71 2.48 -6.25
CA GLN B 76 -4.10 2.47 -5.89
C GLN B 76 -4.88 3.56 -6.60
N LYS B 77 -6.08 3.20 -7.02
CA LYS B 77 -7.06 4.17 -7.45
C LYS B 77 -7.70 4.85 -6.26
N VAL B 78 -7.81 6.17 -6.35
CA VAL B 78 -8.39 7.00 -5.30
C VAL B 78 -9.82 7.32 -5.72
N CYS B 79 -10.80 6.90 -4.92
CA CYS B 79 -12.20 7.09 -5.28
C CYS B 79 -12.89 7.93 -4.23
N ASN B 80 -13.37 9.11 -4.62
CA ASN B 80 -14.14 9.95 -3.73
C ASN B 80 -15.19 10.70 -4.56
N LYS B 81 -16.44 10.32 -4.38
CA LYS B 81 -17.55 10.90 -5.16
C LYS B 81 -17.63 12.41 -5.02
N LYS B 82 -17.56 12.91 -3.79
CA LYS B 82 -17.65 14.34 -3.55
C LYS B 82 -16.51 15.10 -4.22
N LEU B 83 -15.27 14.62 -4.05
CA LEU B 83 -14.12 15.30 -4.63
C LEU B 83 -14.16 15.25 -6.15
N TRP B 84 -14.62 14.13 -6.71
CA TRP B 84 -14.75 13.97 -8.15
C TRP B 84 -15.76 14.96 -8.71
N GLU B 85 -16.90 15.12 -8.02
CA GLU B 85 -17.91 16.08 -8.46
C GLU B 85 -17.43 17.52 -8.37
N ARG B 86 -16.70 17.86 -7.31
CA ARG B 86 -16.04 19.15 -7.19
C ARG B 86 -15.12 19.38 -8.40
N TYR B 87 -14.32 18.37 -8.73
CA TYR B 87 -13.41 18.44 -9.91
C TYR B 87 -14.16 18.64 -11.25
N THR B 88 -15.16 17.83 -11.55
CA THR B 88 -15.88 17.89 -12.83
C THR B 88 -16.73 19.16 -12.99
N HIS B 89 -17.19 19.71 -11.88
CA HIS B 89 -17.89 20.99 -11.88
C HIS B 89 -16.94 22.10 -12.30
N ARG B 90 -15.75 22.12 -11.72
CA ARG B 90 -14.75 23.13 -12.07
C ARG B 90 -14.28 22.93 -13.51
N ARG B 91 -14.07 21.68 -13.92
CA ARG B 91 -13.61 21.36 -15.27
C ARG B 91 -14.58 21.91 -16.32
N LYS B 92 -15.88 21.74 -16.05
CA LYS B 92 -16.91 22.25 -16.94
C LYS B 92 -16.90 23.78 -17.03
N GLU B 93 -16.70 24.45 -15.90
CA GLU B 93 -16.57 25.92 -15.88
C GLU B 93 -15.38 26.36 -16.70
N VAL B 94 -14.23 25.71 -16.46
CA VAL B 94 -13.01 26.06 -17.18
C VAL B 94 -13.17 25.73 -18.67
N SER B 95 -13.74 24.58 -18.99
CA SER B 95 -13.91 24.17 -20.38
C SER B 95 -14.74 25.20 -21.17
N GLU B 96 -15.83 25.66 -20.57
CA GLU B 96 -16.72 26.64 -21.23
C GLU B 96 -16.05 28.00 -21.39
N GLU B 97 -15.25 28.40 -20.41
CA GLU B 97 -14.49 29.65 -20.51
C GLU B 97 -13.42 29.57 -21.58
N ASN B 98 -12.88 28.38 -21.79
CA ASN B 98 -11.83 28.16 -22.78
C ASN B 98 -12.37 27.56 -24.07
N HIS B 99 -13.61 27.90 -24.43
CA HIS B 99 -14.17 27.55 -25.73
C HIS B 99 -14.24 26.06 -25.98
N ASN B 100 -14.78 25.38 -24.95
CA ASN B 100 -15.06 23.94 -24.94
CA ASN B 100 -15.05 23.94 -24.98
C ASN B 100 -13.77 23.09 -25.00
N HIS B 101 -12.77 23.49 -24.23
CA HIS B 101 -11.49 22.78 -24.14
C HIS B 101 -10.96 22.85 -22.71
N ALA B 102 -11.12 21.75 -21.98
CA ALA B 102 -10.60 21.64 -20.62
C ALA B 102 -9.07 21.63 -20.57
N ASN B 103 -8.41 21.11 -21.63
CA ASN B 103 -6.94 20.98 -21.66
C ASN B 103 -6.50 20.16 -20.45
N GLU B 104 -7.11 18.99 -20.32
CA GLU B 104 -6.89 18.12 -19.16
C GLU B 104 -5.69 17.20 -19.35
N ARG B 105 -4.85 17.09 -18.31
CA ARG B 105 -3.62 16.31 -18.39
C ARG B 105 -3.56 15.33 -17.22
N MET B 106 -2.70 14.32 -17.34
CA MET B 106 -2.30 13.50 -16.18
C MET B 106 -0.86 13.91 -15.80
N LEU B 107 -0.68 14.33 -14.54
CA LEU B 107 0.58 14.92 -14.07
C LEU B 107 0.89 14.44 -12.66
N PHE B 108 2.17 14.38 -12.35
CA PHE B 108 2.60 13.96 -11.00
C PHE B 108 2.53 15.08 -9.98
N HIS B 109 2.31 14.69 -8.73
CA HIS B 109 2.40 15.62 -7.59
C HIS B 109 3.07 14.91 -6.42
N GLY B 110 4.14 15.52 -5.90
CA GLY B 110 4.85 15.04 -4.73
C GLY B 110 4.66 16.01 -3.61
N SER B 111 4.36 15.50 -2.41
CA SER B 111 4.10 16.35 -1.28
C SER B 111 4.11 15.55 0.01
N PRO B 112 4.57 16.16 1.12
CA PRO B 112 4.38 15.48 2.40
C PRO B 112 2.90 15.38 2.83
N PHE B 113 1.99 16.07 2.15
CA PHE B 113 0.57 16.06 2.53
C PHE B 113 -0.33 15.14 1.68
N VAL B 114 0.27 14.13 1.04
CA VAL B 114 -0.52 13.25 0.18
CA VAL B 114 -0.49 13.17 0.20
C VAL B 114 -1.70 12.60 0.93
N ASN B 115 -1.49 12.23 2.20
CA ASN B 115 -2.58 11.66 3.02
C ASN B 115 -3.75 12.63 3.15
N ALA B 116 -3.44 13.90 3.40
CA ALA B 116 -4.49 14.91 3.49
C ALA B 116 -5.15 15.17 2.14
N ILE B 117 -4.37 15.17 1.07
CA ILE B 117 -4.90 15.45 -0.24
C ILE B 117 -5.93 14.42 -0.69
N ILE B 118 -5.64 13.14 -0.49
CA ILE B 118 -6.54 12.09 -0.97
C ILE B 118 -7.89 12.07 -0.20
N HIS B 119 -7.87 12.58 1.02
CA HIS B 119 -9.09 12.63 1.86
C HIS B 119 -9.89 13.91 1.72
N LYS B 120 -9.20 15.04 1.63
CA LYS B 120 -9.83 16.36 1.67
C LYS B 120 -9.76 17.11 0.34
N GLY B 121 -8.92 16.64 -0.58
CA GLY B 121 -8.76 17.29 -1.88
C GLY B 121 -7.65 18.30 -1.84
N PHE B 122 -7.27 18.82 -3.00
CA PHE B 122 -6.31 19.92 -3.05
C PHE B 122 -6.96 21.23 -2.61
N ASP B 123 -6.18 22.06 -1.91
CA ASP B 123 -6.61 23.42 -1.56
C ASP B 123 -5.37 24.28 -1.24
N GLU B 124 -5.58 25.50 -0.75
CA GLU B 124 -4.49 26.47 -0.52
C GLU B 124 -3.36 25.95 0.41
N ARG B 125 -3.68 25.02 1.32
CA ARG B 125 -2.65 24.39 2.18
C ARG B 125 -1.56 23.68 1.37
N HIS B 126 -1.88 23.27 0.15
CA HIS B 126 -0.96 22.48 -0.68
C HIS B 126 -0.22 23.30 -1.74
N ALA B 127 -0.45 24.61 -1.73
CA ALA B 127 0.25 25.52 -2.65
C ALA B 127 1.69 25.73 -2.20
N TYR B 128 2.52 26.06 -3.17
CA TYR B 128 3.93 26.32 -2.95
C TYR B 128 4.08 27.83 -3.06
N ILE B 129 4.09 28.49 -1.91
CA ILE B 129 4.01 29.94 -1.87
C ILE B 129 5.21 30.53 -2.62
N GLY B 130 6.37 29.90 -2.46
CA GLY B 130 7.60 30.43 -3.04
C GLY B 130 8.02 29.82 -4.35
N GLY B 131 7.08 29.18 -5.05
CA GLY B 131 7.39 28.56 -6.32
C GLY B 131 7.73 29.60 -7.38
N MET B 132 8.56 29.20 -8.33
CA MET B 132 9.05 30.11 -9.39
C MET B 132 7.99 30.67 -10.33
N PHE B 133 6.80 30.05 -10.36
CA PHE B 133 5.72 30.54 -11.20
C PHE B 133 4.53 31.03 -10.38
N GLY B 134 4.80 31.50 -9.17
CA GLY B 134 3.77 32.06 -8.30
C GLY B 134 3.21 31.04 -7.34
N ALA B 135 2.39 31.54 -6.42
CA ALA B 135 1.85 30.77 -5.30
C ALA B 135 0.62 29.98 -5.73
N GLY B 136 0.87 28.75 -6.17
CA GLY B 136 -0.20 27.86 -6.60
C GLY B 136 0.22 26.43 -6.35
N ILE B 137 -0.54 25.50 -6.89
CA ILE B 137 -0.28 24.08 -6.67
C ILE B 137 0.45 23.55 -7.90
N TYR B 138 1.61 22.96 -7.67
CA TYR B 138 2.55 22.59 -8.72
C TYR B 138 2.44 21.10 -9.09
N PHE B 139 2.54 20.81 -10.38
CA PHE B 139 2.50 19.46 -10.91
C PHE B 139 3.62 19.32 -11.93
N ALA B 140 4.06 18.09 -12.16
CA ALA B 140 5.19 17.83 -13.03
C ALA B 140 4.92 16.72 -14.03
N GLU B 141 5.47 16.91 -15.24
CA GLU B 141 5.57 15.84 -16.20
C GLU B 141 6.65 14.82 -15.84
N ASN B 142 7.77 15.23 -15.23
CA ASN B 142 8.79 14.28 -14.80
C ASN B 142 8.43 13.75 -13.41
N SER B 143 8.20 12.44 -13.29
CA SER B 143 8.00 11.83 -11.99
C SER B 143 9.14 12.20 -11.01
N SER B 144 10.36 12.26 -11.51
CA SER B 144 11.51 12.52 -10.66
C SER B 144 11.52 13.95 -10.13
N LYS B 145 10.88 14.89 -10.82
CA LYS B 145 10.74 16.25 -10.32
C LYS B 145 9.80 16.22 -9.12
N SER B 146 8.66 15.53 -9.24
CA SER B 146 7.72 15.39 -8.11
C SER B 146 8.38 14.67 -6.93
N ASN B 147 9.25 13.70 -7.22
CA ASN B 147 9.96 12.96 -6.17
C ASN B 147 10.82 13.87 -5.29
N GLN B 148 11.33 14.96 -5.88
CA GLN B 148 12.08 15.96 -5.10
C GLN B 148 11.28 16.66 -4.00
N TYR B 149 9.95 16.56 -4.01
CA TYR B 149 9.08 17.25 -3.08
C TYR B 149 8.38 16.32 -2.09
N VAL B 150 8.59 15.01 -2.24
CA VAL B 150 7.93 14.03 -1.37
C VAL B 150 8.20 14.27 0.13
N TYR B 151 9.43 14.66 0.44
CA TYR B 151 9.80 14.92 1.83
C TYR B 151 9.83 16.42 2.19
N GLY B 152 9.23 17.24 1.32
CA GLY B 152 9.19 18.68 1.53
C GLY B 152 9.99 19.45 0.49
N ILE B 153 9.96 20.78 0.60
CA ILE B 153 10.70 21.64 -0.31
C ILE B 153 12.20 21.31 -0.25
N GLY B 154 12.80 21.08 -1.40
CA GLY B 154 14.20 20.66 -1.50
C GLY B 154 14.53 19.31 -0.88
N GLY B 155 13.51 18.45 -0.79
CA GLY B 155 13.62 17.16 -0.10
C GLY B 155 13.55 17.24 1.43
N GLY B 156 13.34 18.44 1.98
CA GLY B 156 13.37 18.64 3.44
C GLY B 156 14.61 18.04 4.06
N THR B 157 14.40 17.25 5.12
CA THR B 157 15.50 16.52 5.75
C THR B 157 15.49 15.03 5.38
N GLY B 158 14.77 14.69 4.31
CA GLY B 158 14.71 13.32 3.82
C GLY B 158 13.72 12.47 4.60
N CYS B 159 13.91 11.16 4.55
CA CYS B 159 12.98 10.25 5.17
C CYS B 159 12.96 10.47 6.68
N PRO B 160 11.81 10.24 7.32
CA PRO B 160 11.74 10.40 8.77
C PRO B 160 12.66 9.47 9.54
N VAL B 161 12.77 8.23 9.10
CA VAL B 161 13.51 7.22 9.86
C VAL B 161 15.02 7.40 9.81
N HIS B 162 15.58 7.73 8.65
CA HIS B 162 17.02 7.81 8.47
C HIS B 162 17.55 9.23 8.20
N LYS B 163 16.67 10.22 8.03
CA LYS B 163 17.05 11.57 7.58
C LYS B 163 17.92 11.56 6.33
N ASP B 164 17.51 10.77 5.33
CA ASP B 164 18.30 10.53 4.14
C ASP B 164 17.41 10.91 2.94
N ARG B 165 17.76 11.98 2.22
CA ARG B 165 17.01 12.35 1.04
C ARG B 165 17.14 11.31 -0.08
N SER B 166 18.20 10.49 -0.05
CA SER B 166 18.37 9.42 -1.02
C SER B 166 18.10 8.05 -0.40
N CYS B 167 17.20 7.98 0.58
CA CYS B 167 16.92 6.69 1.25
C CYS B 167 16.39 5.69 0.26
N TYR B 168 16.99 4.50 0.23
CA TYR B 168 16.58 3.40 -0.66
C TYR B 168 15.70 2.37 0.08
N ILE B 169 15.46 2.62 1.35
CA ILE B 169 14.72 1.68 2.21
C ILE B 169 13.28 2.12 2.41
N CYS B 170 13.08 3.38 2.78
CA CYS B 170 11.78 3.85 3.15
C CYS B 170 10.84 4.00 1.95
N HIS B 171 9.58 3.67 2.16
CA HIS B 171 8.56 3.79 1.13
C HIS B 171 8.12 5.22 0.96
N ARG B 172 8.04 5.65 -0.30
CA ARG B 172 7.61 6.98 -0.69
C ARG B 172 6.26 6.87 -1.37
N GLN B 173 5.53 7.98 -1.43
CA GLN B 173 4.28 8.02 -2.15
C GLN B 173 4.20 9.24 -3.04
N LEU B 174 3.69 9.08 -4.27
CA LEU B 174 3.47 10.18 -5.22
C LEU B 174 2.01 10.07 -5.64
N LEU B 175 1.44 11.17 -6.12
CA LEU B 175 0.13 11.13 -6.74
C LEU B 175 0.28 11.33 -8.23
N PHE B 176 -0.56 10.65 -9.00
CA PHE B 176 -0.66 10.86 -10.43
C PHE B 176 -2.10 11.36 -10.65
N CYS B 177 -2.20 12.61 -11.07
CA CYS B 177 -3.42 13.40 -10.93
C CYS B 177 -3.99 13.86 -12.25
N ARG B 178 -5.30 13.90 -12.30
CA ARG B 178 -6.03 14.53 -13.40
C ARG B 178 -6.03 16.04 -13.14
N VAL B 179 -5.51 16.83 -14.07
CA VAL B 179 -5.37 18.26 -13.89
C VAL B 179 -5.98 19.05 -15.06
N THR B 180 -6.84 20.01 -14.74
CA THR B 180 -7.48 20.84 -15.76
C THR B 180 -6.63 22.10 -15.93
N LEU B 181 -6.02 22.26 -17.10
CA LEU B 181 -5.20 23.44 -17.35
C LEU B 181 -5.92 24.64 -17.95
N GLY B 182 -6.98 24.40 -18.69
CA GLY B 182 -7.68 25.46 -19.42
C GLY B 182 -6.70 26.19 -20.33
N LYS B 183 -6.89 27.49 -20.45
CA LYS B 183 -5.93 28.36 -21.13
C LYS B 183 -4.71 28.55 -20.25
N SER B 184 -3.57 28.00 -20.67
CA SER B 184 -2.40 27.99 -19.84
C SER B 184 -1.41 29.03 -20.33
N PHE B 185 -0.95 29.87 -19.42
CA PHE B 185 0.05 30.88 -19.73
C PHE B 185 1.43 30.22 -19.86
N LEU B 186 2.06 30.33 -21.03
CA LEU B 186 3.37 29.73 -21.24
C LEU B 186 4.48 30.60 -20.67
N GLN B 187 5.19 30.10 -19.67
CA GLN B 187 6.33 30.78 -19.10
C GLN B 187 7.57 29.95 -19.30
N PHE B 188 8.51 30.45 -20.09
CA PHE B 188 9.79 29.80 -20.22
C PHE B 188 10.61 30.07 -18.97
N SER B 189 11.34 29.06 -18.54
CA SER B 189 12.11 29.11 -17.32
C SER B 189 13.56 28.87 -17.68
N ALA B 190 14.45 29.54 -16.96
CA ALA B 190 15.88 29.45 -17.21
C ALA B 190 16.50 28.14 -16.73
N MET B 191 15.69 27.28 -16.10
CA MET B 191 16.14 25.94 -15.69
C MET B 191 16.33 25.02 -16.92
N LYS B 192 15.78 25.25 -18.00
N MET B 193 -2.83 31.95 -1.61
CA MET B 193 -2.75 31.43 -3.01
C MET B 193 -3.00 32.52 -4.06
N ALA B 194 -2.06 32.64 -5.00
CA ALA B 194 -2.09 33.68 -6.02
C ALA B 194 -3.25 33.47 -7.00
N HIS B 195 -3.46 34.46 -7.85
CA HIS B 195 -4.46 34.35 -8.88
C HIS B 195 -3.77 33.91 -10.16
N SER B 196 -4.56 33.30 -11.03
CA SER B 196 -4.09 32.92 -12.35
C SER B 196 -3.84 34.21 -13.15
N PRO B 197 -2.95 34.14 -14.17
CA PRO B 197 -2.81 35.29 -15.08
C PRO B 197 -4.14 35.66 -15.73
N PRO B 198 -4.44 36.96 -15.86
CA PRO B 198 -5.71 37.35 -16.49
C PRO B 198 -5.95 36.63 -17.82
N GLY B 199 -7.14 36.07 -17.97
CA GLY B 199 -7.51 35.34 -19.17
C GLY B 199 -7.03 33.89 -19.18
N HIS B 200 -6.35 33.47 -18.11
CA HIS B 200 -5.74 32.12 -18.07
C HIS B 200 -6.19 31.35 -16.84
N HIS B 201 -6.10 30.03 -16.92
CA HIS B 201 -6.48 29.13 -15.82
C HIS B 201 -5.31 28.36 -15.18
N SER B 202 -4.11 28.54 -15.71
CA SER B 202 -2.93 27.85 -15.20
C SER B 202 -1.71 28.50 -15.81
N VAL B 203 -0.54 28.07 -15.34
CA VAL B 203 0.73 28.45 -15.93
C VAL B 203 1.49 27.20 -16.29
N THR B 204 2.10 27.23 -17.48
CA THR B 204 3.00 26.20 -17.93
C THR B 204 4.41 26.74 -17.80
N GLY B 205 5.19 26.11 -16.91
CA GLY B 205 6.57 26.43 -16.69
C GLY B 205 7.47 25.50 -17.48
N ARG B 206 8.04 25.99 -18.57
CA ARG B 206 8.77 25.13 -19.50
C ARG B 206 10.27 25.42 -19.47
N PRO B 207 11.08 24.46 -19.02
CA PRO B 207 12.53 24.64 -19.01
C PRO B 207 13.05 24.95 -20.41
N SER B 208 13.87 25.98 -20.54
CA SER B 208 14.44 26.31 -21.84
C SER B 208 15.96 26.06 -21.96
N VAL B 209 16.62 25.64 -20.87
CA VAL B 209 18.06 25.37 -20.91
C VAL B 209 18.33 23.87 -20.93
N ASN B 210 17.78 23.15 -19.95
CA ASN B 210 17.87 21.70 -19.95
C ASN B 210 16.81 21.14 -20.91
N GLY B 211 17.26 20.72 -22.08
CA GLY B 211 16.37 20.21 -23.12
C GLY B 211 15.76 18.84 -22.82
N LEU B 212 16.21 18.18 -21.77
CA LEU B 212 15.57 16.92 -21.34
C LEU B 212 14.58 17.10 -20.19
N ALA B 213 14.49 18.32 -19.67
CA ALA B 213 13.58 18.59 -18.57
C ALA B 213 12.20 18.84 -19.12
N LEU B 214 11.20 18.14 -18.60
CA LEU B 214 9.82 18.35 -19.03
C LEU B 214 9.17 19.50 -18.26
N ALA B 215 7.94 19.83 -18.61
CA ALA B 215 7.32 21.02 -18.03
C ALA B 215 6.77 20.75 -16.62
N GLU B 216 6.60 21.87 -15.91
CA GLU B 216 5.90 21.93 -14.65
C GLU B 216 4.68 22.79 -14.88
N TYR B 217 3.62 22.55 -14.11
CA TYR B 217 2.38 23.25 -14.31
C TYR B 217 1.85 23.73 -12.97
N VAL B 218 1.24 24.92 -12.99
CA VAL B 218 0.71 25.53 -11.76
C VAL B 218 -0.76 25.84 -11.95
N ILE B 219 -1.56 25.39 -10.99
CA ILE B 219 -2.95 25.79 -10.89
C ILE B 219 -3.17 26.62 -9.63
N TYR B 220 -4.21 27.43 -9.65
CA TYR B 220 -4.50 28.36 -8.56
C TYR B 220 -5.82 28.07 -7.87
N ARG B 221 -6.47 26.97 -8.28
CA ARG B 221 -7.72 26.54 -7.70
C ARG B 221 -7.55 25.07 -7.42
N GLY B 222 -7.73 24.64 -6.18
CA GLY B 222 -7.61 23.24 -5.82
C GLY B 222 -8.58 22.34 -6.58
N GLU B 223 -9.75 22.88 -6.93
CA GLU B 223 -10.75 22.13 -7.67
C GLU B 223 -10.35 21.73 -9.10
N GLN B 224 -9.27 22.31 -9.63
CA GLN B 224 -8.73 21.94 -10.95
C GLN B 224 -7.82 20.73 -10.97
N ALA B 225 -7.71 20.01 -9.85
CA ALA B 225 -6.97 18.74 -9.85
C ALA B 225 -7.69 17.66 -9.05
N TYR B 226 -7.58 16.42 -9.49
CA TYR B 226 -8.16 15.30 -8.79
C TYR B 226 -7.06 14.24 -8.64
N PRO B 227 -6.80 13.77 -7.40
CA PRO B 227 -5.72 12.83 -7.12
C PRO B 227 -6.09 11.41 -7.50
N GLU B 228 -5.96 11.06 -8.77
CA GLU B 228 -6.53 9.84 -9.27
C GLU B 228 -5.83 8.53 -8.85
N TYR B 229 -4.50 8.53 -8.80
CA TYR B 229 -3.73 7.37 -8.42
C TYR B 229 -2.75 7.72 -7.32
N LEU B 230 -2.63 6.81 -6.35
CA LEU B 230 -1.65 6.89 -5.27
C LEU B 230 -0.62 5.80 -5.49
N ILE B 231 0.62 6.21 -5.71
CA ILE B 231 1.71 5.30 -6.04
C ILE B 231 2.67 5.20 -4.86
N THR B 232 2.91 3.98 -4.38
CA THR B 232 3.87 3.71 -3.34
C THR B 232 5.09 3.04 -3.95
N TYR B 233 6.28 3.54 -3.61
CA TYR B 233 7.50 3.13 -4.31
C TYR B 233 8.76 3.36 -3.47
N GLN B 234 9.86 2.78 -3.92
CA GLN B 234 11.19 3.11 -3.46
C GLN B 234 12.01 3.62 -4.65
N ILE B 235 12.93 4.54 -4.40
CA ILE B 235 13.96 4.79 -5.42
C ILE B 235 14.97 3.65 -5.35
N MET B 236 15.54 3.27 -6.49
CA MET B 236 16.51 2.18 -6.51
CA MET B 236 16.51 2.17 -6.57
C MET B 236 17.95 2.68 -6.64
N ARG B 237 18.85 2.07 -5.88
CA ARG B 237 20.26 2.45 -5.96
C ARG B 237 20.84 1.99 -7.29
N PRO B 238 21.46 2.89 -8.08
CA PRO B 238 22.08 2.44 -9.34
C PRO B 238 23.14 1.35 -9.13
N GLU B 239 23.23 0.39 -10.05
CA GLU B 239 24.20 -0.71 -9.94
C GLU B 239 25.58 -0.29 -10.39
S SO4 C . -6.07 -1.54 4.14
S SO4 C . -5.48 -1.32 4.71
O1 SO4 C . -6.69 -0.74 5.22
O1 SO4 C . -6.52 -0.53 5.43
O2 SO4 C . -5.02 -0.75 3.46
O2 SO4 C . -5.26 -0.79 3.35
O3 SO4 C . -7.09 -1.96 3.14
O3 SO4 C . -4.21 -1.30 5.46
O4 SO4 C . -5.38 -2.69 4.77
O4 SO4 C . -5.99 -2.69 4.52
S SO4 D . -22.86 -5.11 13.69
O1 SO4 D . -22.36 -4.08 12.75
O2 SO4 D . -22.50 -6.47 13.21
O3 SO4 D . -24.34 -4.98 13.72
O4 SO4 D . -22.26 -4.86 15.02
ZN ZN E . -20.80 -16.92 -1.60
C1 GOL F . 0.46 6.49 14.25
O1 GOL F . 1.75 6.77 14.80
C2 GOL F . 0.56 6.64 12.75
O2 GOL F . -0.67 7.21 12.25
C3 GOL F . 0.91 5.29 12.10
O3 GOL F . -0.18 4.35 12.00
C1 GOL G . -14.17 -1.30 6.20
O1 GOL G . -13.37 -2.46 5.96
C2 GOL G . -15.47 -1.43 5.46
O2 GOL G . -15.91 -0.10 5.10
C3 GOL G . -16.52 -2.10 6.31
O3 GOL G . -16.00 -3.19 7.09
CAA GN5 H . -2.55 -16.23 -3.11
CAB GN5 H . -1.13 -15.92 -2.57
CAC GN5 H . -0.38 -15.15 -3.69
CAD GN5 H . -0.33 -17.21 -2.35
CAE GN5 H . -1.20 -15.22 -1.30
CAJ GN5 H . -1.72 -15.84 -0.16
CAI GN5 H . -1.77 -15.18 1.08
CAF GN5 H . -0.73 -13.90 -1.13
CAG GN5 H . -0.77 -13.25 0.10
CAH GN5 H . -1.32 -13.84 1.24
CAK GN5 H . -1.30 -13.15 2.50
NAL GN5 H . -2.23 -13.57 3.57
CAM GN5 H . -2.25 -12.86 4.79
OAN GN5 H . -2.99 -13.25 5.69
CAO GN5 H . -1.64 -11.61 4.86
CAU GN5 H . -1.51 -10.93 6.07
CAT GN5 H . -0.90 -9.66 6.07
CAS GN5 H . -0.45 -9.07 4.88
NAR GN5 H . -0.61 -9.78 3.67
CAP GN5 H . -1.17 -11.01 3.67
NAQ GN5 H . -1.29 -11.67 2.47
S SO4 I . 16.49 20.31 -11.63
O1 SO4 I . 16.75 21.73 -11.49
O2 SO4 I . 17.23 19.64 -12.73
O3 SO4 I . 15.07 20.02 -11.62
O4 SO4 I . 16.99 19.71 -10.37
S SO4 J . 20.26 1.02 -12.65
O1 SO4 J . 19.30 1.24 -11.54
O2 SO4 J . 21.18 2.16 -12.83
O3 SO4 J . 19.50 0.83 -13.91
O4 SO4 J . 21.10 -0.17 -12.35
ZN ZN K . 14.76 5.95 5.29
C1 GOL L . 21.37 10.95 -10.02
O1 GOL L . 20.04 10.45 -9.92
C2 GOL L . 21.39 12.28 -10.75
O2 GOL L . 22.71 12.83 -10.72
C3 GOL L . 20.40 13.19 -10.03
O3 GOL L . 19.13 13.02 -10.64
CAA GN5 M . 5.48 21.27 1.07
CAB GN5 M . 4.62 22.17 0.13
CAC GN5 M . 5.00 23.63 0.42
CAD GN5 M . 3.13 22.03 0.50
CAE GN5 M . 4.79 21.79 -1.26
CAJ GN5 M . 4.37 20.53 -1.72
CAI GN5 M . 4.50 20.13 -3.04
CAF GN5 M . 5.35 22.64 -2.22
CAG GN5 M . 5.47 22.24 -3.55
CAH GN5 M . 5.07 20.99 -3.99
CAK GN5 M . 5.19 20.69 -5.39
NAL GN5 M . 4.97 19.27 -5.81
CAM GN5 M . 5.34 18.88 -7.12
OAN GN5 M . 5.13 17.72 -7.48
CAO GN5 M . 5.96 19.79 -7.97
CAU GN5 M . 6.04 19.57 -9.34
CAT GN5 M . 6.66 20.50 -10.18
CAS GN5 M . 7.23 21.64 -9.64
NAR GN5 M . 7.14 21.86 -8.24
CAP GN5 M . 6.54 20.96 -7.43
NAQ GN5 M . 6.45 21.20 -6.06
#